data_3KMH
#
_entry.id   3KMH
#
_cell.length_a   53.350
_cell.length_b   75.315
_cell.length_c   61.778
_cell.angle_alpha   90.00
_cell.angle_beta   106.29
_cell.angle_gamma   90.00
#
_symmetry.space_group_name_H-M   'P 1 21 1'
#
loop_
_entity.id
_entity.type
_entity.pdbx_description
1 polymer 'D-lyxose isomerase'
2 non-polymer GLYCEROL
3 non-polymer 'ACETATE ION'
4 non-polymer 'MANGANESE (II) ION'
5 non-polymer PHENOL
6 water water
#
_entity_poly.entity_id   1
_entity_poly.type   'polypeptide(L)'
_entity_poly.pdbx_seq_one_letter_code
;(MSE)GSSHHHHHHSSGLVPRGS(MSE)KRSAINDILGHTRQFFSQHDVHLPPFASFSPAQWQQLDTAAWEEVFDLKLGW
DVTAFGRNNFAAHGLTLFTLRNGSAKG(MSE)PYVKCYAEKI(MSE)HVRDAQVTP(MSE)HFHWRKREDIINRGGGNLI
VELWNADSNEQTADSDITVVIDGCRQKHTAGSQLRLSPGESICLPPGLYHSFWAEAGFGDVLVGEVSSVNDDDHDNHFLQ
PLDRYNLIDEDEPAQLVLCNEYRQFR
;
_entity_poly.pdbx_strand_id   A,B
#
# COMPACT_ATOMS: atom_id res chain seq x y z
N LYS A 21 10.02 16.45 24.38
CA LYS A 21 8.88 16.72 25.25
C LYS A 21 7.62 16.08 24.71
N ARG A 22 6.79 15.54 25.60
CA ARG A 22 5.50 14.96 25.21
C ARG A 22 4.58 16.01 24.58
N SER A 23 4.67 17.26 25.07
CA SER A 23 3.92 18.36 24.47
C SER A 23 4.26 18.54 22.99
N ALA A 24 5.55 18.44 22.66
CA ALA A 24 6.01 18.51 21.27
C ALA A 24 5.47 17.35 20.44
N ILE A 25 5.52 16.14 21.01
CA ILE A 25 5.01 14.95 20.33
C ILE A 25 3.50 15.05 20.11
N ASN A 26 2.76 15.49 21.13
CA ASN A 26 1.33 15.69 21.01
C ASN A 26 1.00 16.64 19.85
N ASP A 27 1.74 17.75 19.78
CA ASP A 27 1.55 18.77 18.74
C ASP A 27 1.90 18.24 17.35
N ILE A 28 3.03 17.53 17.26
CA ILE A 28 3.45 16.92 15.99
C ILE A 28 2.38 15.94 15.49
N LEU A 29 1.92 15.06 16.37
CA LEU A 29 0.91 14.08 15.96
C LEU A 29 -0.44 14.72 15.65
N GLY A 30 -0.79 15.77 16.39
CA GLY A 30 -1.98 16.56 16.08
C GLY A 30 -1.93 17.14 14.67
N HIS A 31 -0.80 17.78 14.34
CA HIS A 31 -0.61 18.35 13.01
C HIS A 31 -0.60 17.28 11.92
N THR A 32 0.06 16.15 12.19
CA THR A 32 0.13 15.06 11.21
C THR A 32 -1.24 14.42 10.96
N ARG A 33 -2.04 14.24 12.01
CA ARG A 33 -3.38 13.70 11.85
C ARG A 33 -4.24 14.64 11.00
N GLN A 34 -4.08 15.94 11.20
CA GLN A 34 -4.78 16.93 10.39
C GLN A 34 -4.34 16.85 8.92
N PHE A 35 -3.03 16.76 8.71
CA PHE A 35 -2.46 16.63 7.36
C PHE A 35 -3.00 15.38 6.65
N PHE A 36 -2.99 14.25 7.35
CA PHE A 36 -3.57 13.01 6.81
C PHE A 36 -5.04 13.21 6.43
N SER A 37 -5.84 13.79 7.34
CA SER A 37 -7.25 14.04 7.07
C SER A 37 -7.45 14.92 5.83
N GLN A 38 -6.61 15.95 5.68
CA GLN A 38 -6.68 16.85 4.52
C GLN A 38 -6.39 16.13 3.20
N HIS A 39 -5.68 15.00 3.29
CA HIS A 39 -5.36 14.17 2.13
C HIS A 39 -6.26 12.94 1.99
N ASP A 40 -7.35 12.92 2.75
CA ASP A 40 -8.35 11.86 2.69
C ASP A 40 -7.71 10.53 3.09
N VAL A 41 -6.70 10.59 3.96
CA VAL A 41 -6.07 9.41 4.53
C VAL A 41 -6.85 9.01 5.76
N HIS A 42 -7.24 7.75 5.83
CA HIS A 42 -7.98 7.23 6.96
C HIS A 42 -7.22 6.09 7.61
N LEU A 43 -7.08 6.22 8.92
CA LEU A 43 -6.29 5.29 9.72
C LEU A 43 -7.21 4.35 10.48
N PRO A 44 -6.69 3.17 10.89
CA PRO A 44 -7.52 2.26 11.67
C PRO A 44 -7.89 2.83 13.05
N PRO A 45 -8.93 2.28 13.68
CA PRO A 45 -9.37 2.76 15.00
C PRO A 45 -8.23 2.91 16.02
N PHE A 46 -7.28 1.97 16.04
CA PHE A 46 -6.19 2.01 17.04
C PHE A 46 -5.28 3.25 16.93
N ALA A 47 -5.32 3.91 15.78
CA ALA A 47 -4.57 5.14 15.56
C ALA A 47 -4.97 6.27 16.50
N SER A 48 -6.18 6.18 17.05
CA SER A 48 -6.71 7.25 17.90
C SER A 48 -6.90 6.84 19.37
N PHE A 49 -6.44 5.64 19.73
CA PHE A 49 -6.55 5.18 21.12
C PHE A 49 -5.75 6.05 22.08
N SER A 50 -6.38 6.47 23.18
CA SER A 50 -5.67 7.12 24.27
C SER A 50 -4.89 6.06 25.07
N PRO A 51 -3.86 6.48 25.83
CA PRO A 51 -3.16 5.53 26.70
C PRO A 51 -4.12 4.73 27.61
N ALA A 52 -5.17 5.40 28.10
CA ALA A 52 -6.21 4.74 28.91
C ALA A 52 -6.89 3.60 28.17
N GLN A 53 -7.21 3.84 26.90
CA GLN A 53 -7.83 2.84 26.02
C GLN A 53 -6.92 1.65 25.74
N TRP A 54 -5.62 1.90 25.55
CA TRP A 54 -4.64 0.83 25.36
C TRP A 54 -4.60 -0.10 26.58
N GLN A 55 -4.75 0.49 27.77
CA GLN A 55 -4.71 -0.26 29.04
C GLN A 55 -5.88 -1.23 29.21
N GLN A 56 -6.97 -0.99 28.49
CA GLN A 56 -8.19 -1.80 28.62
C GLN A 56 -8.35 -2.86 27.53
N LEU A 57 -7.39 -2.93 26.62
CA LEU A 57 -7.45 -3.86 25.49
C LEU A 57 -7.19 -5.30 25.93
N ASP A 58 -7.84 -6.24 25.26
CA ASP A 58 -7.55 -7.65 25.40
C ASP A 58 -6.16 -7.90 24.82
N THR A 59 -5.19 -8.22 25.69
CA THR A 59 -3.80 -8.37 25.26
C THR A 59 -3.56 -9.59 24.37
N ALA A 60 -4.46 -10.56 24.43
CA ALA A 60 -4.39 -11.75 23.58
C ALA A 60 -4.77 -11.41 22.14
N ALA A 61 -5.86 -10.66 21.98
CA ALA A 61 -6.37 -10.32 20.66
C ALA A 61 -5.53 -9.29 19.92
N TRP A 62 -4.76 -8.50 20.67
CA TRP A 62 -4.02 -7.37 20.11
C TRP A 62 -2.50 -7.58 20.00
N GLU A 63 -2.04 -8.81 20.20
CA GLU A 63 -0.61 -9.07 20.24
C GLU A 63 0.14 -8.66 18.98
N GLU A 64 -0.50 -8.75 17.82
CA GLU A 64 0.16 -8.41 16.55
C GLU A 64 0.56 -6.95 16.50
N VAL A 65 -0.32 -6.08 16.99
CA VAL A 65 -0.01 -4.65 17.06
C VAL A 65 1.24 -4.42 17.92
N PHE A 66 1.29 -5.06 19.08
CA PHE A 66 2.42 -4.90 20.00
C PHE A 66 3.68 -5.52 19.43
N ASP A 67 3.57 -6.77 18.98
CA ASP A 67 4.73 -7.54 18.54
C ASP A 67 5.43 -6.94 17.33
N LEU A 68 4.64 -6.40 16.40
CA LEU A 68 5.18 -5.90 15.14
C LEU A 68 5.32 -4.39 15.11
N LYS A 69 5.05 -3.77 16.26
CA LYS A 69 5.16 -2.32 16.44
C LYS A 69 4.38 -1.53 15.40
N LEU A 70 3.13 -1.94 15.20
CA LEU A 70 2.21 -1.15 14.36
C LEU A 70 1.89 0.16 15.08
N GLY A 71 1.56 1.20 14.30
CA GLY A 71 1.16 2.48 14.87
C GLY A 71 2.16 3.62 14.73
N TRP A 72 2.04 4.60 15.63
CA TRP A 72 2.74 5.88 15.49
C TRP A 72 4.22 5.82 15.79
N ASP A 73 4.99 6.59 15.02
CA ASP A 73 6.41 6.77 15.28
C ASP A 73 6.77 8.23 14.98
N VAL A 74 7.41 8.89 15.94
CA VAL A 74 7.92 10.24 15.76
C VAL A 74 9.40 10.19 16.07
N THR A 75 10.22 10.62 15.13
CA THR A 75 11.68 10.57 15.32
C THR A 75 12.37 11.88 14.93
N ALA A 76 13.39 12.23 15.71
CA ALA A 76 14.29 13.33 15.37
C ALA A 76 15.68 12.76 15.05
N PHE A 77 15.71 11.43 14.87
CA PHE A 77 16.94 10.69 14.54
C PHE A 77 18.04 10.89 15.59
N GLY A 78 17.63 10.86 16.86
CA GLY A 78 18.54 10.98 17.99
C GLY A 78 19.08 12.38 18.26
N ARG A 79 18.69 13.34 17.43
CA ARG A 79 19.19 14.72 17.53
C ARG A 79 18.18 15.71 18.08
N ASN A 80 18.55 17.00 18.04
CA ASN A 80 17.82 18.07 18.71
C ASN A 80 17.08 19.05 17.80
N ASN A 81 16.87 18.67 16.53
CA ASN A 81 16.18 19.54 15.59
C ASN A 81 15.24 18.75 14.67
N PHE A 82 14.03 18.48 15.16
CA PHE A 82 13.01 17.73 14.42
C PHE A 82 12.69 18.32 13.06
N ALA A 83 12.56 19.65 13.02
CA ALA A 83 12.22 20.37 11.78
C ALA A 83 13.24 20.19 10.66
N ALA A 84 14.53 20.10 11.03
CA ALA A 84 15.61 19.94 10.07
C ALA A 84 15.85 18.47 9.73
N HIS A 85 15.78 17.61 10.75
CA HIS A 85 15.93 16.17 10.57
C HIS A 85 14.92 15.43 11.42
N GLY A 86 13.92 14.87 10.77
CA GLY A 86 12.86 14.19 11.48
C GLY A 86 11.88 13.53 10.53
N LEU A 87 10.98 12.75 11.10
CA LEU A 87 9.97 12.03 10.34
C LEU A 87 8.82 11.63 11.25
N THR A 88 7.62 11.57 10.69
CA THR A 88 6.44 11.11 11.42
C THR A 88 5.83 10.00 10.59
N LEU A 89 5.61 8.83 11.21
CA LEU A 89 5.18 7.64 10.50
C LEU A 89 4.03 6.95 11.22
N PHE A 90 3.20 6.24 10.45
CA PHE A 90 2.25 5.29 11.02
C PHE A 90 2.43 3.95 10.29
N THR A 91 2.77 2.90 11.05
CA THR A 91 2.95 1.57 10.47
C THR A 91 1.61 0.84 10.49
N LEU A 92 1.08 0.57 9.30
CA LEU A 92 -0.28 0.06 9.14
C LEU A 92 -0.36 -1.47 9.21
N ARG A 93 0.69 -2.14 8.75
CA ARG A 93 0.70 -3.60 8.68
C ARG A 93 2.14 -4.02 8.54
N ASN A 94 2.43 -5.26 8.94
CA ASN A 94 3.79 -5.77 9.00
C ASN A 94 3.77 -7.28 9.21
N GLY A 95 4.94 -7.89 9.13
CA GLY A 95 5.15 -9.31 9.48
C GLY A 95 6.41 -9.47 10.30
N SER A 96 6.69 -10.70 10.73
CA SER A 96 7.88 -10.96 11.54
C SER A 96 9.16 -10.87 10.73
N ALA A 97 10.18 -10.31 11.36
CA ALA A 97 11.49 -10.12 10.74
C ALA A 97 12.03 -11.41 10.15
N LYS A 98 11.87 -12.53 10.86
CA LYS A 98 12.42 -13.82 10.41
C LYS A 98 11.36 -14.76 9.82
N GLY A 99 10.17 -14.23 9.55
CA GLY A 99 9.11 -15.00 8.92
C GLY A 99 8.19 -15.78 9.86
N PRO A 101 6.59 -15.65 14.19
CA PRO A 101 5.34 -16.37 13.91
C PRO A 101 4.35 -15.65 12.98
N TYR A 102 4.59 -14.37 12.68
CA TYR A 102 3.75 -13.63 11.76
C TYR A 102 4.33 -13.75 10.35
N VAL A 103 3.71 -14.61 9.54
CA VAL A 103 4.27 -15.01 8.25
C VAL A 103 4.13 -13.99 7.14
N LYS A 104 3.24 -12.99 7.32
CA LYS A 104 3.06 -11.93 6.32
C LYS A 104 4.41 -11.39 5.86
N CYS A 105 4.63 -11.34 4.55
CA CYS A 105 5.94 -10.94 4.00
C CYS A 105 6.03 -9.44 3.73
N TYR A 106 4.90 -8.75 3.85
CA TYR A 106 4.81 -7.35 3.45
C TYR A 106 4.50 -6.40 4.59
N ALA A 107 4.80 -5.13 4.37
CA ALA A 107 4.50 -4.06 5.31
C ALA A 107 4.06 -2.80 4.58
N GLU A 108 3.37 -1.93 5.32
CA GLU A 108 2.98 -0.63 4.81
C GLU A 108 3.10 0.43 5.90
N LYS A 109 3.65 1.58 5.51
CA LYS A 109 3.65 2.76 6.36
C LYS A 109 3.03 3.93 5.60
N ILE A 110 2.49 4.88 6.35
CA ILE A 110 2.10 6.18 5.79
C ILE A 110 2.80 7.24 6.62
N HIS A 112 4.54 11.47 7.05
CA HIS A 112 4.41 12.89 6.83
C HIS A 112 5.81 13.44 6.83
N VAL A 113 6.23 13.97 5.68
CA VAL A 113 7.50 14.66 5.56
C VAL A 113 7.21 16.15 5.46
N ARG A 114 7.68 16.91 6.43
CA ARG A 114 7.46 18.34 6.43
C ARG A 114 8.41 19.01 5.45
N ASP A 115 8.00 20.17 4.94
CA ASP A 115 8.77 20.94 3.96
C ASP A 115 10.24 21.06 4.40
N ALA A 116 11.14 20.65 3.52
CA ALA A 116 12.60 20.68 3.73
C ALA A 116 13.14 19.78 4.87
N GLN A 117 12.26 18.99 5.48
CA GLN A 117 12.63 18.08 6.56
C GLN A 117 13.32 16.83 6.01
N VAL A 118 14.53 16.56 6.50
CA VAL A 118 15.37 15.50 5.95
C VAL A 118 15.35 14.20 6.78
N THR A 119 15.22 13.08 6.07
CA THR A 119 15.49 11.76 6.63
C THR A 119 16.92 11.40 6.22
N PRO A 120 17.84 11.26 7.20
CA PRO A 120 19.26 11.04 6.94
C PRO A 120 19.56 9.78 6.14
N HIS A 122 20.57 6.37 4.80
CA HIS A 122 20.59 5.04 5.41
C HIS A 122 20.27 3.97 4.37
N PHE A 123 20.64 2.73 4.67
CA PHE A 123 20.18 1.59 3.89
C PHE A 123 19.59 0.55 4.81
N HIS A 124 18.88 -0.41 4.22
CA HIS A 124 18.34 -1.54 4.96
C HIS A 124 19.09 -2.80 4.58
N TRP A 125 19.38 -3.64 5.57
CA TRP A 125 20.06 -4.91 5.34
C TRP A 125 19.17 -5.89 4.57
N ARG A 126 17.89 -5.90 4.91
CA ARG A 126 16.95 -6.89 4.36
C ARG A 126 15.75 -6.27 3.64
N LYS A 127 15.20 -5.19 4.18
CA LYS A 127 13.98 -4.60 3.61
C LYS A 127 14.19 -4.04 2.20
N ARG A 128 13.28 -4.43 1.31
CA ARG A 128 13.13 -3.82 0.00
C ARG A 128 11.88 -2.96 0.13
N GLU A 129 11.96 -1.70 -0.28
CA GLU A 129 10.81 -0.80 -0.11
C GLU A 129 10.49 0.01 -1.35
N ASP A 130 9.21 0.24 -1.56
CA ASP A 130 8.74 1.22 -2.53
C ASP A 130 8.34 2.47 -1.77
N ILE A 131 9.04 3.57 -2.04
CA ILE A 131 8.75 4.86 -1.44
C ILE A 131 7.87 5.60 -2.43
N ILE A 132 6.74 6.10 -1.93
CA ILE A 132 5.66 6.57 -2.81
C ILE A 132 5.27 7.98 -2.42
N ASN A 133 5.25 8.88 -3.39
CA ASN A 133 4.68 10.20 -3.15
C ASN A 133 3.16 10.10 -3.30
N ARG A 134 2.46 10.05 -2.16
CA ARG A 134 1.02 9.89 -2.19
C ARG A 134 0.30 11.23 -2.34
N GLY A 135 1.01 12.32 -2.17
CA GLY A 135 0.47 13.65 -2.40
C GLY A 135 1.18 14.77 -1.68
N GLY A 136 0.79 16.00 -2.01
CA GLY A 136 1.38 17.19 -1.43
C GLY A 136 2.45 17.74 -2.35
N GLY A 137 3.63 17.98 -1.80
CA GLY A 137 4.75 18.54 -2.55
C GLY A 137 5.48 17.49 -3.36
N ASN A 138 6.78 17.71 -3.58
CA ASN A 138 7.61 16.77 -4.31
C ASN A 138 8.63 16.16 -3.38
N LEU A 139 8.81 14.85 -3.50
CA LEU A 139 9.81 14.17 -2.68
C LEU A 139 11.12 14.07 -3.46
N ILE A 140 12.19 14.57 -2.84
CA ILE A 140 13.52 14.42 -3.42
C ILE A 140 14.20 13.24 -2.73
N VAL A 141 14.73 12.30 -3.52
CA VAL A 141 15.40 11.13 -2.97
C VAL A 141 16.83 11.05 -3.51
N GLU A 142 17.80 11.10 -2.60
CA GLU A 142 19.22 11.01 -2.97
C GLU A 142 19.71 9.58 -2.74
N LEU A 143 20.40 9.02 -3.74
CA LEU A 143 20.74 7.59 -3.76
C LEU A 143 22.21 7.34 -4.01
N TRP A 144 22.77 6.40 -3.26
CA TRP A 144 24.14 5.93 -3.44
C TRP A 144 24.16 4.43 -3.20
N ASN A 145 24.93 3.69 -4.00
CA ASN A 145 25.24 2.30 -3.65
C ASN A 145 26.12 2.26 -2.42
N ALA A 146 26.00 1.20 -1.63
CA ALA A 146 26.90 0.98 -0.50
C ALA A 146 28.13 0.20 -0.96
N ASP A 147 29.30 0.65 -0.48
CA ASP A 147 30.56 -0.08 -0.66
C ASP A 147 30.66 -1.25 0.32
N SER A 148 31.72 -2.05 0.16
CA SER A 148 32.03 -3.14 1.08
C SER A 148 32.25 -2.64 2.52
N ASN A 149 32.70 -1.39 2.65
CA ASN A 149 32.94 -0.79 3.96
C ASN A 149 31.77 0.05 4.48
N GLU A 150 30.59 -0.17 3.91
CA GLU A 150 29.36 0.53 4.30
C GLU A 150 29.45 2.05 4.10
N GLN A 151 30.35 2.46 3.21
CA GLN A 151 30.42 3.85 2.77
C GLN A 151 29.74 3.97 1.42
N THR A 152 29.59 5.18 0.92
CA THR A 152 28.97 5.39 -0.39
C THR A 152 29.95 5.07 -1.51
N ALA A 153 29.48 4.33 -2.50
CA ALA A 153 30.29 4.00 -3.68
C ALA A 153 30.04 5.02 -4.78
N ASP A 154 30.97 5.09 -5.73
CA ASP A 154 30.85 6.02 -6.85
C ASP A 154 30.26 5.36 -8.11
N SER A 155 29.78 4.12 -7.94
CA SER A 155 29.19 3.36 -9.03
C SER A 155 27.80 3.88 -9.40
N ASP A 156 27.43 3.67 -10.67
CA ASP A 156 26.10 4.00 -11.15
C ASP A 156 25.03 3.22 -10.40
N ILE A 157 23.90 3.89 -10.15
CA ILE A 157 22.76 3.26 -9.50
C ILE A 157 21.76 2.82 -10.56
N THR A 158 21.15 1.67 -10.35
CA THR A 158 20.08 1.21 -11.22
C THR A 158 18.82 1.13 -10.36
N VAL A 159 17.80 1.90 -10.75
CA VAL A 159 16.54 1.92 -10.00
C VAL A 159 15.34 1.87 -10.93
N VAL A 160 14.22 1.42 -10.39
CA VAL A 160 13.00 1.33 -11.15
C VAL A 160 12.00 2.30 -10.53
N ILE A 161 11.54 3.25 -11.34
CA ILE A 161 10.55 4.23 -10.91
C ILE A 161 9.25 3.89 -11.63
N ASP A 162 8.27 3.42 -10.85
CA ASP A 162 6.98 3.01 -11.39
C ASP A 162 7.07 2.07 -12.60
N GLY A 163 7.94 1.07 -12.48
CA GLY A 163 8.12 0.07 -13.52
C GLY A 163 9.04 0.48 -14.67
N CYS A 164 9.57 1.69 -14.59
CA CYS A 164 10.53 2.17 -15.60
C CYS A 164 11.96 2.08 -15.07
N ARG A 165 12.73 1.17 -15.64
CA ARG A 165 14.09 0.92 -15.23
C ARG A 165 15.03 1.96 -15.84
N GLN A 166 15.90 2.50 -15.01
CA GLN A 166 16.84 3.55 -15.44
C GLN A 166 18.12 3.50 -14.62
N LYS A 167 19.18 4.01 -15.22
CA LYS A 167 20.47 4.05 -14.57
C LYS A 167 20.86 5.52 -14.37
N HIS A 168 21.46 5.81 -13.22
CA HIS A 168 21.87 7.17 -12.87
C HIS A 168 23.21 7.21 -12.18
N THR A 169 23.82 8.40 -12.15
CA THR A 169 25.11 8.57 -11.49
C THR A 169 24.97 8.49 -9.98
N ALA A 170 26.03 8.05 -9.32
CA ALA A 170 26.09 7.99 -7.87
C ALA A 170 25.72 9.35 -7.25
N GLY A 171 24.87 9.32 -6.23
CA GLY A 171 24.45 10.53 -5.55
C GLY A 171 23.37 11.34 -6.25
N SER A 172 22.75 10.75 -7.27
CA SER A 172 21.67 11.41 -8.00
C SER A 172 20.52 11.76 -7.06
N GLN A 173 19.96 12.96 -7.27
CA GLN A 173 18.77 13.38 -6.52
C GLN A 173 17.58 13.33 -7.47
N LEU A 174 16.70 12.36 -7.23
CA LEU A 174 15.57 12.12 -8.11
C LEU A 174 14.29 12.67 -7.51
N ARG A 175 13.45 13.28 -8.37
CA ARG A 175 12.22 13.91 -7.90
C ARG A 175 11.03 13.00 -8.13
N LEU A 176 10.30 12.73 -7.05
CA LEU A 176 9.03 12.02 -7.15
C LEU A 176 7.90 13.01 -6.98
N SER A 177 7.17 13.25 -8.06
CA SER A 177 5.97 14.08 -8.02
C SER A 177 4.81 13.23 -7.51
N PRO A 178 3.71 13.87 -7.06
CA PRO A 178 2.59 13.07 -6.56
C PRO A 178 2.18 11.97 -7.53
N GLY A 179 2.07 10.75 -7.01
CA GLY A 179 1.73 9.58 -7.80
C GLY A 179 2.92 8.69 -8.13
N GLU A 180 4.12 9.24 -8.05
CA GLU A 180 5.31 8.49 -8.44
C GLU A 180 5.91 7.73 -7.27
N SER A 181 6.57 6.63 -7.58
CA SER A 181 7.20 5.79 -6.58
C SER A 181 8.48 5.17 -7.10
N ILE A 182 9.41 4.90 -6.19
CA ILE A 182 10.68 4.27 -6.52
C ILE A 182 10.90 3.02 -5.66
N CYS A 183 11.41 1.96 -6.27
CA CYS A 183 11.78 0.76 -5.52
C CYS A 183 13.25 0.84 -5.09
N LEU A 184 13.48 0.73 -3.79
CA LEU A 184 14.82 0.78 -3.21
C LEU A 184 15.21 -0.61 -2.71
N PRO A 185 16.10 -1.29 -3.44
CA PRO A 185 16.53 -2.62 -2.99
C PRO A 185 17.37 -2.53 -1.71
N PRO A 186 17.46 -3.64 -0.97
CA PRO A 186 18.29 -3.66 0.23
C PRO A 186 19.72 -3.26 -0.11
N GLY A 187 20.33 -2.46 0.76
CA GLY A 187 21.73 -2.04 0.59
C GLY A 187 21.92 -0.76 -0.19
N LEU A 188 20.84 -0.24 -0.79
CA LEU A 188 20.91 1.03 -1.50
C LEU A 188 20.71 2.17 -0.51
N TYR A 189 21.74 3.00 -0.33
CA TYR A 189 21.64 4.17 0.53
C TYR A 189 20.63 5.17 0.00
N HIS A 190 19.78 5.68 0.88
CA HIS A 190 18.79 6.69 0.51
C HIS A 190 18.55 7.71 1.61
N SER A 191 18.35 8.96 1.18
CA SER A 191 17.94 10.06 2.03
C SER A 191 16.86 10.79 1.27
N PHE A 192 15.86 11.30 1.98
CA PHE A 192 14.80 12.03 1.29
C PHE A 192 14.31 13.23 2.06
N TRP A 193 13.69 14.15 1.33
CA TRP A 193 13.11 15.36 1.90
C TRP A 193 12.05 15.92 0.96
N ALA A 194 11.16 16.73 1.52
CA ALA A 194 10.17 17.44 0.71
C ALA A 194 10.89 18.61 0.07
N GLU A 195 10.78 18.72 -1.25
CA GLU A 195 11.47 19.77 -2.00
C GLU A 195 11.10 21.13 -1.42
N ALA A 196 12.13 21.88 -1.02
CA ALA A 196 11.94 23.16 -0.34
C ALA A 196 11.00 24.10 -1.10
N GLY A 197 9.92 24.49 -0.44
CA GLY A 197 8.95 25.43 -1.01
C GLY A 197 7.76 24.83 -1.72
N PHE A 198 7.76 23.52 -1.94
CA PHE A 198 6.68 22.87 -2.68
C PHE A 198 5.62 22.24 -1.75
N GLY A 199 5.89 22.29 -0.45
CA GLY A 199 4.93 21.86 0.57
C GLY A 199 5.28 20.52 1.18
N ASP A 200 4.61 20.21 2.29
CA ASP A 200 4.75 18.90 2.96
C ASP A 200 4.38 17.77 2.01
N VAL A 201 4.98 16.60 2.21
CA VAL A 201 4.66 15.46 1.36
C VAL A 201 4.07 14.33 2.18
N LEU A 202 3.00 13.74 1.65
CA LEU A 202 2.44 12.52 2.20
C LEU A 202 3.17 11.35 1.54
N VAL A 203 3.94 10.60 2.33
CA VAL A 203 4.76 9.52 1.77
C VAL A 203 4.20 8.15 2.15
N GLY A 204 4.00 7.31 1.15
CA GLY A 204 3.65 5.92 1.39
C GLY A 204 4.88 5.04 1.32
N GLU A 205 4.87 3.97 2.10
CA GLU A 205 5.90 2.94 1.97
C GLU A 205 5.20 1.60 1.90
N VAL A 206 5.45 0.86 0.83
CA VAL A 206 5.01 -0.53 0.72
C VAL A 206 6.28 -1.33 0.51
N SER A 207 6.47 -2.34 1.35
CA SER A 207 7.77 -2.98 1.48
C SER A 207 7.67 -4.43 1.91
N SER A 208 8.81 -5.11 1.95
CA SER A 208 8.91 -6.36 2.70
C SER A 208 8.92 -6.02 4.20
N VAL A 209 9.03 -7.03 5.06
CA VAL A 209 8.88 -6.78 6.50
C VAL A 209 9.80 -5.68 7.04
N ASN A 210 9.23 -4.87 7.92
CA ASN A 210 9.92 -3.76 8.56
C ASN A 210 10.42 -4.13 9.94
N ASP A 211 11.70 -3.90 10.19
CA ASP A 211 12.29 -4.12 11.50
C ASP A 211 13.24 -2.98 11.83
N ASP A 212 12.72 -1.94 12.45
CA ASP A 212 13.51 -0.76 12.77
C ASP A 212 14.48 -1.00 13.92
N ASP A 213 14.29 -2.10 14.65
CA ASP A 213 15.20 -2.47 15.73
C ASP A 213 16.58 -2.89 15.22
N HIS A 214 16.61 -3.56 14.06
CA HIS A 214 17.86 -4.17 13.56
C HIS A 214 18.19 -3.90 12.10
N ASP A 215 17.21 -3.44 11.32
CA ASP A 215 17.36 -3.44 9.86
C ASP A 215 17.79 -2.11 9.24
N ASN A 216 18.16 -1.14 10.07
CA ASN A 216 18.58 0.17 9.58
C ASN A 216 20.08 0.39 9.79
N HIS A 217 20.77 0.76 8.71
CA HIS A 217 22.14 1.24 8.85
C HIS A 217 22.27 2.66 8.32
N PHE A 218 22.51 3.59 9.24
CA PHE A 218 22.70 4.99 8.87
C PHE A 218 24.17 5.22 8.55
N LEU A 219 24.43 6.01 7.51
CA LEU A 219 25.79 6.36 7.11
C LEU A 219 26.55 6.98 8.28
N GLN A 220 25.90 7.92 8.96
CA GLN A 220 26.36 8.47 10.22
C GLN A 220 25.56 7.80 11.34
N PRO A 221 26.20 6.88 12.09
CA PRO A 221 25.50 6.04 13.08
C PRO A 221 24.69 6.84 14.09
N LEU A 222 23.52 6.29 14.46
CA LEU A 222 22.62 6.92 15.43
C LEU A 222 22.88 6.41 16.85
N LEU A 227 14.87 10.13 24.92
CA LEU A 227 14.01 9.96 26.09
C LEU A 227 12.87 10.96 26.05
N ILE A 228 11.69 10.54 26.50
CA ILE A 228 10.51 11.41 26.48
C ILE A 228 10.28 12.07 27.83
N ASP A 229 10.24 13.40 27.82
CA ASP A 229 9.91 14.17 29.01
C ASP A 229 8.39 14.37 29.04
N GLU A 230 7.74 13.74 30.03
CA GLU A 230 6.29 13.79 30.14
C GLU A 230 5.83 15.06 30.83
N ASP A 231 5.89 16.18 30.11
CA ASP A 231 5.53 17.49 30.64
C ASP A 231 4.02 17.72 30.62
N GLU A 232 3.31 16.92 29.83
CA GLU A 232 1.85 16.89 29.84
C GLU A 232 1.37 15.47 29.50
N PRO A 233 0.09 15.15 29.81
CA PRO A 233 -0.42 13.80 29.50
C PRO A 233 -0.33 13.47 28.02
N ALA A 234 0.08 12.24 27.71
CA ALA A 234 0.14 11.75 26.34
C ALA A 234 -1.26 11.58 25.76
N GLN A 235 -1.46 12.09 24.55
CA GLN A 235 -2.73 11.95 23.89
C GLN A 235 -2.81 10.61 23.16
N LEU A 236 -1.65 10.15 22.70
CA LEU A 236 -1.52 8.90 21.95
C LEU A 236 -0.29 8.12 22.41
N VAL A 237 -0.23 6.86 22.01
CA VAL A 237 0.89 5.97 22.34
C VAL A 237 1.72 5.71 21.09
N LEU A 238 3.05 5.79 21.23
CA LEU A 238 3.96 5.50 20.13
C LEU A 238 4.28 4.01 20.07
N CYS A 239 4.73 3.54 18.91
CA CYS A 239 4.89 2.11 18.66
C CYS A 239 6.07 1.47 19.41
N ASN A 240 6.97 2.29 19.94
CA ASN A 240 8.10 1.82 20.74
C ASN A 240 7.81 1.81 22.25
N GLU A 241 6.57 2.08 22.64
CA GLU A 241 6.22 2.15 24.06
C GLU A 241 5.01 1.30 24.46
N TYR A 242 4.83 0.18 23.78
CA TYR A 242 3.76 -0.75 24.12
C TYR A 242 4.12 -1.60 25.34
N LYS B 21 -17.87 -3.50 -24.14
CA LYS B 21 -17.52 -2.57 -25.20
C LYS B 21 -16.38 -1.67 -24.74
N ARG B 22 -15.51 -1.30 -25.67
CA ARG B 22 -14.43 -0.37 -25.38
C ARG B 22 -14.97 1.00 -24.94
N SER B 23 -16.10 1.40 -25.52
CA SER B 23 -16.78 2.63 -25.10
C SER B 23 -17.15 2.60 -23.62
N ALA B 24 -17.63 1.46 -23.15
CA ALA B 24 -17.96 1.28 -21.74
C ALA B 24 -16.70 1.32 -20.87
N ILE B 25 -15.63 0.68 -21.34
CA ILE B 25 -14.35 0.70 -20.63
C ILE B 25 -13.79 2.13 -20.54
N ASN B 26 -13.82 2.85 -21.67
CA ASN B 26 -13.41 4.25 -21.67
C ASN B 26 -14.19 5.08 -20.64
N ASP B 27 -15.50 4.85 -20.58
CA ASP B 27 -16.39 5.57 -19.66
C ASP B 27 -16.12 5.21 -18.20
N ILE B 28 -15.96 3.91 -17.94
CA ILE B 28 -15.70 3.41 -16.59
C ILE B 28 -14.38 3.97 -16.06
N LEU B 29 -13.34 3.91 -16.89
CA LEU B 29 -12.03 4.42 -16.48
C LEU B 29 -12.03 5.92 -16.28
N GLY B 30 -12.71 6.67 -17.15
CA GLY B 30 -12.86 8.12 -16.96
C GLY B 30 -13.48 8.45 -15.61
N HIS B 31 -14.57 7.75 -15.29
CA HIS B 31 -15.26 7.94 -14.01
C HIS B 31 -14.39 7.52 -12.81
N THR B 32 -13.67 6.42 -12.95
CA THR B 32 -12.81 5.93 -11.87
C THR B 32 -11.65 6.88 -11.62
N ARG B 33 -11.08 7.44 -12.69
CA ARG B 33 -10.01 8.41 -12.53
C ARG B 33 -10.50 9.65 -11.76
N GLN B 34 -11.74 10.05 -12.03
CA GLN B 34 -12.35 11.16 -11.32
C GLN B 34 -12.61 10.82 -9.85
N PHE B 35 -13.09 9.59 -9.59
CA PHE B 35 -13.28 9.11 -8.24
C PHE B 35 -11.97 9.11 -7.44
N PHE B 36 -10.91 8.58 -8.05
CA PHE B 36 -9.59 8.64 -7.43
C PHE B 36 -9.19 10.08 -7.12
N SER B 37 -9.34 10.99 -8.08
CA SER B 37 -8.96 12.39 -7.90
C SER B 37 -9.75 13.03 -6.75
N GLN B 38 -11.02 12.66 -6.65
CA GLN B 38 -11.90 13.12 -5.58
C GLN B 38 -11.41 12.72 -4.18
N HIS B 39 -10.67 11.61 -4.13
CA HIS B 39 -10.12 11.10 -2.87
C HIS B 39 -8.65 11.43 -2.68
N ASP B 40 -8.17 12.40 -3.47
CA ASP B 40 -6.79 12.85 -3.43
C ASP B 40 -5.80 11.69 -3.68
N VAL B 41 -6.22 10.75 -4.53
CA VAL B 41 -5.36 9.63 -4.93
C VAL B 41 -4.63 10.02 -6.19
N HIS B 42 -3.31 9.82 -6.18
CA HIS B 42 -2.46 10.17 -7.30
C HIS B 42 -1.82 8.91 -7.85
N LEU B 43 -1.94 8.77 -9.17
CA LEU B 43 -1.42 7.62 -9.89
C LEU B 43 -0.14 8.01 -10.61
N PRO B 44 0.71 7.02 -10.94
CA PRO B 44 1.92 7.32 -11.71
C PRO B 44 1.58 7.83 -13.11
N PRO B 45 2.53 8.53 -13.75
CA PRO B 45 2.28 9.06 -15.11
C PRO B 45 1.76 8.04 -16.11
N PHE B 46 2.23 6.79 -16.03
CA PHE B 46 1.80 5.79 -17.02
C PHE B 46 0.31 5.44 -16.96
N ALA B 47 -0.35 5.83 -15.87
CA ALA B 47 -1.79 5.66 -15.70
C ALA B 47 -2.60 6.47 -16.72
N SER B 48 -2.00 7.49 -17.30
CA SER B 48 -2.71 8.37 -18.23
C SER B 48 -2.23 8.25 -19.68
N PHE B 49 -1.33 7.31 -19.96
CA PHE B 49 -0.82 7.11 -21.33
C PHE B 49 -1.92 6.66 -22.28
N SER B 50 -2.02 7.33 -23.44
CA SER B 50 -2.85 6.86 -24.54
C SER B 50 -2.13 5.70 -25.25
N PRO B 51 -2.86 4.88 -26.02
CA PRO B 51 -2.19 3.87 -26.84
C PRO B 51 -1.06 4.46 -27.69
N ALA B 52 -1.26 5.64 -28.24
CA ALA B 52 -0.23 6.32 -29.04
C ALA B 52 1.05 6.58 -28.23
N GLN B 53 0.88 6.96 -26.96
CA GLN B 53 2.03 7.22 -26.09
C GLN B 53 2.75 5.93 -25.69
N TRP B 54 1.99 4.86 -25.45
CA TRP B 54 2.56 3.54 -25.18
C TRP B 54 3.45 3.08 -26.34
N GLN B 55 2.97 3.34 -27.56
CA GLN B 55 3.66 2.95 -28.80
C GLN B 55 5.02 3.64 -28.98
N GLN B 56 5.23 4.75 -28.26
CA GLN B 56 6.45 5.54 -28.41
C GLN B 56 7.48 5.34 -27.30
N LEU B 57 7.14 4.51 -26.30
CA LEU B 57 8.03 4.24 -25.18
C LEU B 57 9.19 3.34 -25.57
N ASP B 58 10.30 3.47 -24.82
CA ASP B 58 11.43 2.54 -24.92
C ASP B 58 11.02 1.26 -24.23
N THR B 59 10.70 0.24 -25.03
CA THR B 59 10.17 -1.04 -24.51
C THR B 59 11.14 -1.76 -23.59
N ALA B 60 12.44 -1.48 -23.73
CA ALA B 60 13.48 -2.07 -22.89
C ALA B 60 13.48 -1.53 -21.47
N ALA B 61 13.02 -0.29 -21.29
CA ALA B 61 12.99 0.35 -19.97
C ALA B 61 11.69 0.03 -19.23
N TRP B 62 10.67 -0.40 -19.98
CA TRP B 62 9.32 -0.55 -19.43
C TRP B 62 8.85 -2.00 -19.26
N GLU B 63 9.79 -2.95 -19.35
CA GLU B 63 9.45 -4.38 -19.31
C GLU B 63 8.68 -4.78 -18.06
N GLU B 64 9.01 -4.18 -16.92
CA GLU B 64 8.36 -4.52 -15.65
C GLU B 64 6.85 -4.27 -15.71
N VAL B 65 6.43 -3.14 -16.27
CA VAL B 65 5.01 -2.84 -16.42
C VAL B 65 4.31 -3.93 -17.23
N PHE B 66 4.90 -4.30 -18.35
CA PHE B 66 4.34 -5.32 -19.23
C PHE B 66 4.35 -6.72 -18.60
N ASP B 67 5.49 -7.09 -18.02
CA ASP B 67 5.68 -8.43 -17.48
C ASP B 67 4.80 -8.70 -16.28
N LEU B 68 4.61 -7.69 -15.44
CA LEU B 68 3.91 -7.87 -14.17
C LEU B 68 2.47 -7.38 -14.24
N LYS B 69 2.06 -6.91 -15.41
CA LYS B 69 0.71 -6.41 -15.67
C LYS B 69 0.33 -5.30 -14.69
N LEU B 70 1.23 -4.34 -14.51
CA LEU B 70 0.91 -3.12 -13.78
C LEU B 70 -0.13 -2.33 -14.58
N GLY B 71 -0.92 -1.52 -13.90
CA GLY B 71 -1.88 -0.65 -14.58
C GLY B 71 -3.34 -1.05 -14.47
N TRP B 72 -4.13 -0.57 -15.42
CA TRP B 72 -5.59 -0.64 -15.36
C TRP B 72 -6.17 -2.03 -15.58
N ASP B 73 -7.22 -2.32 -14.83
CA ASP B 73 -7.93 -3.59 -14.93
C ASP B 73 -9.41 -3.28 -14.75
N VAL B 74 -10.22 -3.69 -15.71
CA VAL B 74 -11.67 -3.55 -15.62
C VAL B 74 -12.28 -4.92 -15.92
N THR B 75 -13.15 -5.40 -15.05
CA THR B 75 -13.76 -6.71 -15.25
C THR B 75 -15.22 -6.75 -14.86
N ALA B 76 -15.99 -7.54 -15.58
CA ALA B 76 -17.37 -7.85 -15.22
C ALA B 76 -17.47 -9.33 -14.87
N PHE B 77 -16.31 -9.94 -14.61
CA PHE B 77 -16.19 -11.34 -14.20
C PHE B 77 -16.85 -12.32 -15.18
N GLY B 78 -16.63 -12.07 -16.46
CA GLY B 78 -17.13 -12.93 -17.54
C GLY B 78 -18.61 -12.80 -17.82
N ARG B 79 -19.30 -12.01 -16.99
CA ARG B 79 -20.74 -11.82 -17.10
C ARG B 79 -21.13 -10.49 -17.75
N ASN B 80 -22.43 -10.21 -17.77
CA ASN B 80 -23.00 -9.17 -18.63
C ASN B 80 -23.50 -7.91 -17.91
N ASN B 81 -23.23 -7.80 -16.62
CA ASN B 81 -23.74 -6.67 -15.82
C ASN B 81 -22.67 -6.13 -14.89
N PHE B 82 -21.79 -5.29 -15.44
CA PHE B 82 -20.69 -4.67 -14.69
C PHE B 82 -21.17 -4.01 -13.39
N ALA B 83 -22.29 -3.30 -13.47
CA ALA B 83 -22.81 -2.55 -12.33
C ALA B 83 -23.15 -3.45 -11.13
N ALA B 84 -23.66 -4.64 -11.41
CA ALA B 84 -24.01 -5.60 -10.36
C ALA B 84 -22.82 -6.47 -9.93
N HIS B 85 -22.02 -6.91 -10.90
CA HIS B 85 -20.81 -7.69 -10.62
C HIS B 85 -19.66 -7.18 -11.46
N GLY B 86 -18.69 -6.57 -10.81
CA GLY B 86 -17.58 -5.97 -11.52
C GLY B 86 -16.62 -5.30 -10.56
N LEU B 87 -15.49 -4.85 -11.11
CA LEU B 87 -14.45 -4.22 -10.32
C LEU B 87 -13.55 -3.44 -11.25
N THR B 88 -13.00 -2.34 -10.73
CA THR B 88 -12.03 -1.52 -11.46
C THR B 88 -10.82 -1.38 -10.56
N LEU B 89 -9.64 -1.63 -11.12
CA LEU B 89 -8.41 -1.70 -10.33
C LEU B 89 -7.26 -1.05 -11.07
N PHE B 90 -6.30 -0.53 -10.31
CA PHE B 90 -5.00 -0.14 -10.87
C PHE B 90 -3.92 -0.85 -10.06
N THR B 91 -3.11 -1.67 -10.74
CA THR B 91 -2.03 -2.38 -10.07
C THR B 91 -0.78 -1.48 -10.09
N LEU B 92 -0.40 -1.01 -8.90
CA LEU B 92 0.65 -0.01 -8.74
C LEU B 92 2.07 -0.57 -8.73
N ARG B 93 2.21 -1.78 -8.18
CA ARG B 93 3.51 -2.43 -8.03
C ARG B 93 3.27 -3.93 -7.82
N ASN B 94 4.28 -4.73 -8.16
CA ASN B 94 4.14 -6.18 -8.13
C ASN B 94 5.51 -6.82 -8.27
N GLY B 95 5.55 -8.12 -8.05
CA GLY B 95 6.74 -8.94 -8.35
C GLY B 95 6.35 -10.10 -9.24
N SER B 96 7.33 -10.93 -9.59
CA SER B 96 7.10 -12.11 -10.44
C SER B 96 6.51 -13.24 -9.62
N ALA B 97 5.52 -13.92 -10.20
CA ALA B 97 4.83 -15.03 -9.56
C ALA B 97 5.81 -16.10 -9.08
N LYS B 98 6.82 -16.38 -9.91
CA LYS B 98 7.88 -17.31 -9.56
C LYS B 98 8.99 -16.71 -8.69
N GLY B 99 9.12 -15.39 -8.74
CA GLY B 99 10.20 -14.70 -8.01
C GLY B 99 11.31 -14.23 -8.94
N PRO B 101 12.09 -12.73 -13.15
CA PRO B 101 13.31 -12.01 -12.75
C PRO B 101 13.07 -10.83 -11.80
N TYR B 102 11.81 -10.62 -11.41
CA TYR B 102 11.43 -9.52 -10.51
C TYR B 102 11.21 -10.01 -9.08
N VAL B 103 12.24 -9.84 -8.24
CA VAL B 103 12.34 -10.48 -6.93
C VAL B 103 11.42 -9.93 -5.83
N LYS B 104 10.81 -8.77 -6.05
CA LYS B 104 9.90 -8.14 -5.10
C LYS B 104 8.84 -9.14 -4.58
N CYS B 105 8.65 -9.24 -3.25
CA CYS B 105 7.64 -10.16 -2.65
C CYS B 105 6.27 -9.56 -2.57
N TYR B 106 6.17 -8.25 -2.76
CA TYR B 106 4.94 -7.51 -2.44
C TYR B 106 4.29 -6.87 -3.65
N ALA B 107 3.01 -6.52 -3.48
CA ALA B 107 2.21 -5.89 -4.53
C ALA B 107 1.26 -4.89 -3.90
N GLU B 108 0.82 -3.93 -4.71
CA GLU B 108 -0.21 -3.00 -4.26
C GLU B 108 -1.19 -2.70 -5.38
N LYS B 109 -2.47 -2.68 -5.05
CA LYS B 109 -3.50 -2.19 -5.96
C LYS B 109 -4.30 -1.10 -5.29
N ILE B 110 -4.85 -0.22 -6.12
CA ILE B 110 -5.90 0.70 -5.69
C ILE B 110 -7.14 0.45 -6.55
N HIS B 112 -11.64 0.74 -7.25
CA HIS B 112 -12.90 1.47 -7.16
C HIS B 112 -14.01 0.44 -7.11
N VAL B 113 -14.69 0.36 -5.97
CA VAL B 113 -15.87 -0.50 -5.84
C VAL B 113 -17.09 0.41 -5.83
N ARG B 114 -17.91 0.27 -6.86
CA ARG B 114 -19.08 1.12 -6.98
C ARG B 114 -20.16 0.64 -6.01
N ASP B 115 -21.02 1.57 -5.61
CA ASP B 115 -22.15 1.30 -4.72
C ASP B 115 -22.89 0.03 -5.13
N ALA B 116 -22.98 -0.92 -4.19
CA ALA B 116 -23.68 -2.21 -4.36
C ALA B 116 -23.05 -3.16 -5.38
N GLN B 117 -21.87 -2.81 -5.89
CA GLN B 117 -21.17 -3.63 -6.89
C GLN B 117 -20.38 -4.74 -6.23
N VAL B 118 -20.63 -5.98 -6.67
CA VAL B 118 -20.10 -7.18 -6.03
C VAL B 118 -18.90 -7.79 -6.76
N THR B 119 -17.88 -8.10 -5.98
CA THR B 119 -16.77 -8.94 -6.44
C THR B 119 -17.09 -10.35 -5.95
N PRO B 120 -17.29 -11.30 -6.89
CA PRO B 120 -17.73 -12.65 -6.57
C PRO B 120 -16.75 -13.43 -5.70
N HIS B 122 -14.25 -15.77 -4.04
CA HIS B 122 -13.03 -16.42 -4.52
C HIS B 122 -11.99 -16.55 -3.42
N PHE B 123 -11.05 -17.46 -3.61
CA PHE B 123 -9.83 -17.45 -2.79
C PHE B 123 -8.61 -17.41 -3.69
N HIS B 124 -7.45 -17.14 -3.08
CA HIS B 124 -6.18 -17.17 -3.76
C HIS B 124 -5.39 -18.37 -3.28
N TRP B 125 -4.73 -19.06 -4.21
CA TRP B 125 -3.92 -20.21 -3.87
C TRP B 125 -2.68 -19.79 -3.08
N ARG B 126 -2.06 -18.70 -3.51
CA ARG B 126 -0.78 -18.26 -2.95
C ARG B 126 -0.86 -16.90 -2.26
N LYS B 127 -1.55 -15.95 -2.91
CA LYS B 127 -1.54 -14.57 -2.42
C LYS B 127 -2.18 -14.43 -1.03
N ARG B 128 -1.46 -13.72 -0.15
CA ARG B 128 -2.00 -13.23 1.11
C ARG B 128 -2.23 -11.74 0.89
N GLU B 129 -3.41 -11.24 1.24
CA GLU B 129 -3.72 -9.83 0.96
C GLU B 129 -4.38 -9.12 2.11
N ASP B 130 -4.04 -7.85 2.28
CA ASP B 130 -4.75 -6.96 3.18
C ASP B 130 -5.66 -6.11 2.33
N ILE B 131 -6.96 -6.22 2.56
CA ILE B 131 -7.95 -5.43 1.86
C ILE B 131 -8.30 -4.26 2.76
N ILE B 132 -8.22 -3.06 2.22
CA ILE B 132 -8.24 -1.84 3.01
C ILE B 132 -9.34 -0.92 2.52
N ASN B 133 -10.20 -0.45 3.42
CA ASN B 133 -11.09 0.64 3.06
C ASN B 133 -10.35 1.97 3.16
N ARG B 134 -9.91 2.48 2.02
CA ARG B 134 -9.14 3.73 1.98
C ARG B 134 -10.03 4.96 2.07
N GLY B 135 -11.32 4.80 1.83
CA GLY B 135 -12.26 5.92 1.95
C GLY B 135 -13.57 5.75 1.17
N GLY B 136 -14.54 6.58 1.54
CA GLY B 136 -15.84 6.59 0.87
C GLY B 136 -16.87 5.86 1.69
N GLY B 137 -17.55 4.90 1.06
CA GLY B 137 -18.61 4.14 1.71
C GLY B 137 -18.11 3.07 2.66
N ASN B 138 -18.92 2.04 2.86
CA ASN B 138 -18.55 0.92 3.72
C ASN B 138 -18.32 -0.31 2.90
N LEU B 139 -17.19 -0.99 3.13
CA LEU B 139 -16.92 -2.23 2.42
C LEU B 139 -17.39 -3.42 3.24
N ILE B 140 -18.31 -4.19 2.66
CA ILE B 140 -18.80 -5.42 3.28
C ILE B 140 -17.98 -6.58 2.71
N VAL B 141 -17.43 -7.40 3.59
CA VAL B 141 -16.63 -8.53 3.17
C VAL B 141 -17.24 -9.80 3.74
N GLU B 142 -17.62 -10.73 2.88
CA GLU B 142 -18.17 -12.02 3.31
C GLU B 142 -17.10 -13.09 3.22
N LEU B 143 -17.01 -13.91 4.27
CA LEU B 143 -15.89 -14.83 4.44
C LEU B 143 -16.30 -16.26 4.75
N TRP B 144 -15.68 -17.21 4.04
CA TRP B 144 -15.87 -18.64 4.31
C TRP B 144 -14.53 -19.33 4.21
N ASN B 145 -14.27 -20.30 5.07
CA ASN B 145 -13.19 -21.25 4.80
C ASN B 145 -13.58 -22.11 3.61
N ALA B 146 -12.58 -22.61 2.89
CA ALA B 146 -12.80 -23.59 1.84
C ALA B 146 -12.60 -24.99 2.41
N ASP B 147 -13.49 -25.91 2.07
CA ASP B 147 -13.29 -27.30 2.47
C ASP B 147 -12.41 -28.00 1.43
N SER B 148 -12.13 -29.28 1.66
CA SER B 148 -11.26 -30.03 0.75
C SER B 148 -11.87 -30.22 -0.64
N ASN B 149 -13.18 -30.07 -0.76
CA ASN B 149 -13.85 -30.07 -2.07
C ASN B 149 -13.83 -28.70 -2.75
N GLU B 150 -13.19 -27.73 -2.12
CA GLU B 150 -13.11 -26.34 -2.63
C GLU B 150 -14.50 -25.69 -2.63
N GLN B 151 -15.38 -26.19 -1.78
CA GLN B 151 -16.68 -25.56 -1.53
C GLN B 151 -16.57 -24.77 -0.23
N THR B 152 -17.62 -24.04 0.14
CA THR B 152 -17.59 -23.27 1.38
C THR B 152 -17.81 -24.19 2.58
N ALA B 153 -16.97 -24.05 3.59
CA ALA B 153 -17.03 -24.88 4.80
C ALA B 153 -17.93 -24.26 5.87
N ASP B 154 -18.38 -25.10 6.81
CA ASP B 154 -19.22 -24.66 7.92
C ASP B 154 -18.43 -24.18 9.13
N SER B 155 -17.10 -24.27 9.04
CA SER B 155 -16.21 -23.97 10.16
C SER B 155 -16.03 -22.46 10.42
N ASP B 156 -15.75 -22.12 11.67
CA ASP B 156 -15.48 -20.74 12.07
C ASP B 156 -14.25 -20.22 11.35
N ILE B 157 -14.28 -18.94 11.01
CA ILE B 157 -13.14 -18.27 10.39
C ILE B 157 -12.32 -17.53 11.44
N THR B 158 -11.01 -17.48 11.24
CA THR B 158 -10.14 -16.66 12.08
C THR B 158 -9.48 -15.65 11.18
N VAL B 159 -9.67 -14.37 11.51
CA VAL B 159 -9.10 -13.26 10.73
C VAL B 159 -8.54 -12.19 11.64
N VAL B 160 -7.61 -11.40 11.10
CA VAL B 160 -7.03 -10.30 11.84
C VAL B 160 -7.43 -9.01 11.15
N ILE B 161 -8.11 -8.15 11.89
CA ILE B 161 -8.59 -6.88 11.38
C ILE B 161 -7.76 -5.81 12.07
N ASP B 162 -6.91 -5.14 11.29
CA ASP B 162 -5.95 -4.15 11.79
C ASP B 162 -5.22 -4.60 13.06
N GLY B 163 -4.67 -5.81 13.02
CA GLY B 163 -3.86 -6.31 14.12
C GLY B 163 -4.67 -6.90 15.27
N CYS B 164 -5.99 -6.87 15.17
CA CYS B 164 -6.88 -7.49 16.17
C CYS B 164 -7.40 -8.83 15.67
N ARG B 165 -6.94 -9.90 16.31
CA ARG B 165 -7.30 -11.27 15.94
C ARG B 165 -8.66 -11.64 16.52
N GLN B 166 -9.50 -12.25 15.69
CA GLN B 166 -10.87 -12.58 16.07
C GLN B 166 -11.41 -13.77 15.29
N LYS B 167 -12.34 -14.48 15.90
CA LYS B 167 -12.99 -15.64 15.29
C LYS B 167 -14.45 -15.29 14.99
N HIS B 168 -14.95 -15.79 13.87
CA HIS B 168 -16.32 -15.52 13.45
C HIS B 168 -16.96 -16.72 12.79
N THR B 169 -18.30 -16.73 12.78
CA THR B 169 -19.08 -17.78 12.15
C THR B 169 -18.83 -17.83 10.64
N ALA B 170 -18.88 -19.04 10.07
CA ALA B 170 -18.85 -19.23 8.62
C ALA B 170 -19.86 -18.31 7.93
N GLY B 171 -19.41 -17.59 6.91
CA GLY B 171 -20.30 -16.76 6.11
C GLY B 171 -20.55 -15.39 6.70
N SER B 172 -19.83 -15.06 7.76
CA SER B 172 -19.95 -13.75 8.39
C SER B 172 -19.71 -12.63 7.39
N GLN B 173 -20.51 -11.58 7.51
CA GLN B 173 -20.35 -10.38 6.71
C GLN B 173 -19.82 -9.28 7.62
N LEU B 174 -18.59 -8.84 7.34
CA LEU B 174 -17.93 -7.87 8.20
C LEU B 174 -17.89 -6.52 7.50
N ARG B 175 -18.17 -5.46 8.25
CA ARG B 175 -18.15 -4.11 7.70
C ARG B 175 -16.81 -3.45 7.97
N LEU B 176 -16.15 -3.02 6.91
CA LEU B 176 -14.94 -2.22 7.03
C LEU B 176 -15.29 -0.77 6.76
N SER B 177 -15.22 0.05 7.79
CA SER B 177 -15.38 1.50 7.67
C SER B 177 -14.09 2.09 7.13
N PRO B 178 -14.14 3.33 6.59
CA PRO B 178 -12.91 3.96 6.14
C PRO B 178 -11.80 3.88 7.19
N GLY B 179 -10.62 3.44 6.76
CA GLY B 179 -9.47 3.27 7.64
C GLY B 179 -9.19 1.84 8.08
N GLU B 180 -10.21 0.99 8.02
CA GLU B 180 -10.08 -0.39 8.47
C GLU B 180 -9.58 -1.32 7.39
N SER B 181 -8.85 -2.36 7.79
CA SER B 181 -8.34 -3.36 6.85
C SER B 181 -8.39 -4.76 7.46
N ILE B 182 -8.46 -5.75 6.59
CA ILE B 182 -8.52 -7.15 7.01
C ILE B 182 -7.47 -7.93 6.24
N CYS B 183 -6.78 -8.84 6.93
CA CYS B 183 -5.82 -9.70 6.27
C CYS B 183 -6.51 -11.02 5.90
N LEU B 184 -6.49 -11.33 4.61
CA LEU B 184 -7.09 -12.56 4.09
C LEU B 184 -5.98 -13.53 3.69
N PRO B 185 -5.78 -14.59 4.49
CA PRO B 185 -4.76 -15.58 4.13
C PRO B 185 -5.12 -16.36 2.86
N PRO B 186 -4.12 -16.95 2.20
CA PRO B 186 -4.47 -17.79 1.04
C PRO B 186 -5.44 -18.88 1.42
N GLY B 187 -6.38 -19.17 0.53
CA GLY B 187 -7.35 -20.25 0.72
C GLY B 187 -8.62 -19.81 1.40
N LEU B 188 -8.65 -18.57 1.90
CA LEU B 188 -9.86 -18.04 2.53
C LEU B 188 -10.80 -17.45 1.47
N TYR B 189 -12.01 -18.00 1.36
CA TYR B 189 -12.99 -17.48 0.40
C TYR B 189 -13.46 -16.11 0.85
N HIS B 190 -13.49 -15.17 -0.09
CA HIS B 190 -13.98 -13.82 0.20
C HIS B 190 -14.72 -13.22 -0.98
N SER B 191 -15.76 -12.44 -0.65
CA SER B 191 -16.50 -11.65 -1.60
C SER B 191 -16.69 -10.31 -0.94
N PHE B 192 -16.71 -9.25 -1.74
CA PHE B 192 -16.95 -7.92 -1.16
C PHE B 192 -17.76 -7.01 -2.05
N TRP B 193 -18.36 -6.01 -1.44
CA TRP B 193 -19.14 -5.01 -2.14
C TRP B 193 -19.21 -3.74 -1.31
N ALA B 194 -19.52 -2.63 -1.96
CA ALA B 194 -19.80 -1.39 -1.26
C ALA B 194 -21.23 -1.48 -0.74
N GLU B 195 -21.42 -1.31 0.57
CA GLU B 195 -22.74 -1.43 1.18
C GLU B 195 -23.74 -0.53 0.44
N ALA B 196 -24.87 -1.13 0.04
CA ALA B 196 -25.83 -0.46 -0.84
C ALA B 196 -26.33 0.85 -0.26
N GLY B 197 -26.15 1.92 -1.03
CA GLY B 197 -26.62 3.24 -0.63
C GLY B 197 -25.59 4.13 0.05
N PHE B 198 -24.54 3.52 0.63
CA PHE B 198 -23.57 4.28 1.41
C PHE B 198 -22.42 4.83 0.56
N GLY B 199 -22.48 4.59 -0.74
CA GLY B 199 -21.56 5.19 -1.72
C GLY B 199 -20.43 4.29 -2.18
N ASP B 200 -19.76 4.70 -3.26
CA ASP B 200 -18.59 4.00 -3.78
C ASP B 200 -17.50 3.92 -2.70
N VAL B 201 -16.71 2.85 -2.75
CA VAL B 201 -15.60 2.69 -1.83
C VAL B 201 -14.28 2.66 -2.59
N LEU B 202 -13.31 3.38 -2.04
CA LEU B 202 -11.93 3.32 -2.50
C LEU B 202 -11.24 2.22 -1.72
N VAL B 203 -10.86 1.15 -2.44
CA VAL B 203 -10.29 -0.02 -1.79
C VAL B 203 -8.80 -0.15 -2.10
N GLY B 204 -8.00 -0.30 -1.05
CA GLY B 204 -6.58 -0.55 -1.25
C GLY B 204 -6.32 -2.03 -1.08
N GLU B 205 -5.32 -2.53 -1.80
CA GLU B 205 -4.84 -3.87 -1.57
C GLU B 205 -3.33 -3.84 -1.42
N VAL B 206 -2.83 -4.35 -0.30
CA VAL B 206 -1.39 -4.55 -0.12
C VAL B 206 -1.22 -6.02 0.18
N SER B 207 -0.35 -6.68 -0.59
CA SER B 207 -0.35 -8.13 -0.62
C SER B 207 1.01 -8.69 -0.98
N SER B 208 1.13 -10.01 -0.94
CA SER B 208 2.22 -10.70 -1.63
C SER B 208 1.96 -10.65 -3.14
N VAL B 209 2.86 -11.23 -3.94
CA VAL B 209 2.76 -11.02 -5.39
C VAL B 209 1.40 -11.44 -5.94
N ASN B 210 0.94 -10.64 -6.90
CA ASN B 210 -0.34 -10.82 -7.55
C ASN B 210 -0.17 -11.53 -8.88
N ASP B 211 -0.96 -12.59 -9.08
CA ASP B 211 -0.96 -13.30 -10.36
C ASP B 211 -2.38 -13.65 -10.75
N ASP B 212 -3.03 -12.75 -11.50
CA ASP B 212 -4.42 -12.94 -11.88
C ASP B 212 -4.64 -13.96 -12.99
N ASP B 213 -3.57 -14.43 -13.60
CA ASP B 213 -3.67 -15.48 -14.61
C ASP B 213 -3.95 -16.85 -14.00
N HIS B 214 -3.43 -17.08 -12.79
CA HIS B 214 -3.45 -18.41 -12.19
C HIS B 214 -3.83 -18.49 -10.71
N ASP B 215 -3.83 -17.36 -10.02
CA ASP B 215 -3.92 -17.39 -8.56
C ASP B 215 -5.32 -17.10 -8.01
N ASN B 216 -6.33 -17.12 -8.88
CA ASN B 216 -7.71 -16.91 -8.43
C ASN B 216 -8.54 -18.16 -8.60
N HIS B 217 -9.15 -18.59 -7.49
CA HIS B 217 -10.14 -19.64 -7.58
C HIS B 217 -11.51 -19.11 -7.21
N PHE B 218 -12.36 -18.96 -8.21
CA PHE B 218 -13.72 -18.52 -7.98
C PHE B 218 -14.60 -19.69 -7.60
N LEU B 219 -15.52 -19.46 -6.67
CA LEU B 219 -16.44 -20.49 -6.22
C LEU B 219 -17.30 -20.97 -7.38
N GLN B 220 -17.83 -20.03 -8.16
CA GLN B 220 -18.50 -20.34 -9.43
C GLN B 220 -17.44 -20.25 -10.52
N PRO B 221 -17.45 -21.19 -11.48
CA PRO B 221 -16.48 -21.10 -12.58
C PRO B 221 -16.71 -19.86 -13.44
N LEU B 222 -15.83 -18.87 -13.31
CA LEU B 222 -15.95 -17.64 -14.09
C LEU B 222 -14.59 -17.11 -14.58
N ASP B 223 -14.65 -16.22 -15.55
CA ASP B 223 -13.44 -15.66 -16.14
C ASP B 223 -13.03 -14.36 -15.46
N ARG B 224 -11.75 -14.25 -15.15
CA ARG B 224 -11.19 -13.07 -14.48
C ARG B 224 -11.22 -11.82 -15.37
N TYR B 225 -11.04 -12.01 -16.67
CA TYR B 225 -11.10 -10.91 -17.63
C TYR B 225 -12.26 -11.07 -18.62
N ASN B 226 -12.72 -9.94 -19.16
CA ASN B 226 -13.70 -9.92 -20.24
C ASN B 226 -13.03 -9.71 -21.60
N LEU B 227 -13.59 -10.29 -22.65
CA LEU B 227 -13.20 -9.99 -24.03
C LEU B 227 -13.81 -8.65 -24.43
N ILE B 228 -13.17 -7.95 -25.35
CA ILE B 228 -13.54 -6.56 -25.66
C ILE B 228 -14.08 -6.35 -27.07
N ASP B 229 -15.25 -5.72 -27.15
CA ASP B 229 -15.82 -5.23 -28.38
C ASP B 229 -15.21 -3.86 -28.68
N GLU B 230 -14.38 -3.79 -29.71
CA GLU B 230 -13.66 -2.57 -30.06
C GLU B 230 -14.54 -1.62 -30.87
N ASP B 231 -15.45 -0.95 -30.19
CA ASP B 231 -16.46 -0.11 -30.84
C ASP B 231 -16.07 1.36 -30.96
N GLU B 232 -15.03 1.76 -30.25
CA GLU B 232 -14.47 3.11 -30.37
C GLU B 232 -12.99 3.09 -29.95
N PRO B 233 -12.20 4.10 -30.39
CA PRO B 233 -10.78 4.11 -30.04
C PRO B 233 -10.54 4.06 -28.53
N ALA B 234 -9.58 3.23 -28.12
CA ALA B 234 -9.21 3.10 -26.72
C ALA B 234 -8.50 4.35 -26.24
N GLN B 235 -8.92 4.88 -25.10
CA GLN B 235 -8.29 6.06 -24.52
C GLN B 235 -7.11 5.68 -23.64
N LEU B 236 -7.18 4.48 -23.06
CA LEU B 236 -6.16 3.94 -22.18
C LEU B 236 -5.96 2.46 -22.50
N VAL B 237 -4.87 1.89 -22.00
CA VAL B 237 -4.54 0.49 -22.25
C VAL B 237 -4.71 -0.31 -20.96
N LEU B 238 -5.35 -1.47 -21.06
CA LEU B 238 -5.52 -2.34 -19.91
C LEU B 238 -4.28 -3.21 -19.70
N CYS B 239 -4.09 -3.64 -18.45
CA CYS B 239 -2.88 -4.37 -18.06
C CYS B 239 -2.74 -5.75 -18.70
N ASN B 240 -3.84 -6.28 -19.23
CA ASN B 240 -3.84 -7.59 -19.88
C ASN B 240 -3.77 -7.51 -21.41
N GLU B 241 -3.51 -6.32 -21.93
CA GLU B 241 -3.43 -6.13 -23.38
C GLU B 241 -2.19 -5.37 -23.87
N TYR B 242 -1.10 -5.49 -23.11
CA TYR B 242 0.18 -4.90 -23.50
C TYR B 242 0.81 -5.69 -24.66
#